data_2EUC
#
_entry.id   2EUC
#
_cell.length_a   67.543
_cell.length_b   67.637
_cell.length_c   78.015
_cell.angle_alpha   90.00
_cell.angle_beta   90.00
_cell.angle_gamma   90.00
#
_symmetry.space_group_name_H-M   'P 21 21 21'
#
loop_
_entity.id
_entity.type
_entity.pdbx_description
1 polymer 'Hypothetical protein yfmB'
2 water water
#
_entity_poly.entity_id   1
_entity_poly.type   'polypeptide(L)'
_entity_poly.pdbx_seq_one_letter_code
;(MSE)QYFSPEQQYNAWIVSDLVKQIFHKRAGCSPGIHELAVFAEEHFHIDIDFVFSII(MSE)NIGDIEFALTDEIEKK
LSGYLSTLLPYVTAD(MSE)FETSKANAHAFLSRRHGNAAYHLFVSDDAF(MSE)RKQLEHHHHHH
;
_entity_poly.pdbx_strand_id   A,B
#
# COMPACT_ATOMS: atom_id res chain seq x y z
N MSE A 1 14.37 2.96 -4.77
CA MSE A 1 13.51 1.95 -4.08
C MSE A 1 14.26 1.29 -2.94
O MSE A 1 15.06 0.38 -3.18
CB MSE A 1 13.04 0.89 -5.08
CG MSE A 1 12.06 -0.09 -4.48
SE MSE A 1 11.18 -1.18 -5.81
CE MSE A 1 10.56 -2.64 -4.70
N GLN A 2 13.99 1.71 -1.72
CA GLN A 2 14.64 1.12 -0.55
C GLN A 2 14.10 -0.26 -0.24
N TYR A 3 14.97 -1.14 0.25
CA TYR A 3 14.58 -2.51 0.58
C TYR A 3 14.02 -2.65 1.98
N PHE A 4 12.91 -3.38 2.10
CA PHE A 4 12.30 -3.63 3.40
C PHE A 4 11.98 -5.11 3.54
N SER A 5 12.58 -5.72 4.56
CA SER A 5 12.41 -7.14 4.84
C SER A 5 10.95 -7.52 5.08
N PRO A 6 10.62 -8.81 4.88
CA PRO A 6 9.24 -9.24 5.11
C PRO A 6 8.85 -9.02 6.56
N GLU A 7 9.79 -9.16 7.48
CA GLU A 7 9.47 -8.97 8.87
C GLU A 7 9.08 -7.52 9.11
N GLN A 8 9.64 -6.62 8.30
CA GLN A 8 9.32 -5.20 8.40
C GLN A 8 7.95 -4.94 7.77
N GLN A 9 7.66 -5.63 6.68
CA GLN A 9 6.39 -5.44 6.03
C GLN A 9 5.32 -5.96 6.97
N TYR A 10 5.64 -7.06 7.65
CA TYR A 10 4.74 -7.69 8.61
C TYR A 10 4.29 -6.70 9.67
N ASN A 11 5.20 -6.29 10.55
CA ASN A 11 4.86 -5.34 11.60
C ASN A 11 4.11 -4.13 11.03
N ALA A 12 4.61 -3.60 9.92
CA ALA A 12 3.95 -2.45 9.32
C ALA A 12 2.50 -2.78 8.99
N TRP A 13 2.26 -3.98 8.47
CA TRP A 13 0.91 -4.38 8.12
C TRP A 13 0.02 -4.52 9.35
N ILE A 14 0.57 -4.99 10.47
CA ILE A 14 -0.25 -5.15 11.65
C ILE A 14 -0.82 -3.80 12.09
N VAL A 15 0.06 -2.80 12.16
CA VAL A 15 -0.35 -1.46 12.54
C VAL A 15 -1.59 -1.16 11.74
N SER A 16 -1.50 -1.18 10.42
CA SER A 16 -2.68 -0.89 9.63
C SER A 16 -3.90 -1.72 9.99
N ASP A 17 -3.70 -2.97 10.35
CA ASP A 17 -4.85 -3.79 10.65
C ASP A 17 -5.45 -3.57 12.03
N LEU A 18 -4.61 -3.22 12.99
CA LEU A 18 -5.09 -2.96 14.33
C LEU A 18 -5.93 -1.70 14.27
N VAL A 19 -5.35 -0.63 13.74
CA VAL A 19 -6.05 0.63 13.62
C VAL A 19 -7.32 0.46 12.78
N LYS A 20 -7.27 -0.45 11.82
CA LYS A 20 -8.43 -0.69 10.97
C LYS A 20 -9.53 -1.29 11.81
N GLN A 21 -9.27 -2.45 12.38
CA GLN A 21 -10.26 -3.11 13.20
C GLN A 21 -10.79 -2.21 14.31
N ILE A 22 -9.94 -1.33 14.83
CA ILE A 22 -10.35 -0.39 15.87
C ILE A 22 -11.36 0.53 15.24
N PHE A 23 -11.24 0.74 13.94
CA PHE A 23 -12.16 1.60 13.24
C PHE A 23 -13.45 0.83 13.09
N HIS A 24 -13.34 -0.41 12.63
CA HIS A 24 -14.52 -1.28 12.48
C HIS A 24 -14.75 -1.93 13.83
N LYS A 25 -15.40 -1.16 14.70
CA LYS A 25 -15.67 -1.57 16.06
C LYS A 25 -16.34 -0.29 16.54
N ARG A 26 -15.66 0.81 16.28
CA ARG A 26 -16.14 2.15 16.59
C ARG A 26 -17.25 2.34 15.57
N ALA A 27 -16.91 2.36 14.28
CA ALA A 27 -17.96 2.47 13.25
C ALA A 27 -18.41 1.02 13.04
N GLY A 28 -19.54 0.81 12.38
CA GLY A 28 -20.01 -0.54 12.17
C GLY A 28 -19.40 -1.28 10.99
N CYS A 29 -19.26 -0.58 9.87
CA CYS A 29 -18.72 -1.13 8.62
C CYS A 29 -17.22 -1.43 8.64
N SER A 30 -16.48 -0.79 7.72
CA SER A 30 -15.04 -0.93 7.60
C SER A 30 -14.50 0.31 6.89
N PRO A 31 -13.27 0.72 7.24
CA PRO A 31 -12.53 1.88 6.72
C PRO A 31 -12.45 2.09 5.22
N GLY A 32 -11.71 3.14 4.87
CA GLY A 32 -11.47 3.49 3.47
C GLY A 32 -9.98 3.77 3.47
N ILE A 33 -9.29 3.53 2.37
CA ILE A 33 -7.85 3.77 2.37
C ILE A 33 -7.50 5.16 2.88
N HIS A 34 -8.14 6.19 2.34
CA HIS A 34 -7.86 7.56 2.77
C HIS A 34 -8.49 7.82 4.14
N GLU A 35 -9.69 7.29 4.34
CA GLU A 35 -10.35 7.48 5.61
C GLU A 35 -9.44 6.98 6.74
N LEU A 36 -9.24 5.66 6.78
CA LEU A 36 -8.39 5.02 7.80
C LEU A 36 -7.08 5.77 8.00
N ALA A 37 -6.63 6.46 6.97
CA ALA A 37 -5.39 7.21 7.06
C ALA A 37 -5.56 8.37 8.02
N VAL A 38 -6.57 9.19 7.81
CA VAL A 38 -6.77 10.35 8.68
C VAL A 38 -7.06 9.89 10.09
N PHE A 39 -7.78 8.78 10.18
CA PHE A 39 -8.16 8.19 11.46
C PHE A 39 -6.96 7.75 12.28
N ALA A 40 -5.89 7.35 11.61
CA ALA A 40 -4.70 6.90 12.30
C ALA A 40 -3.82 8.07 12.66
N GLU A 41 -3.99 9.20 12.00
CA GLU A 41 -3.17 10.35 12.31
C GLU A 41 -3.77 11.15 13.45
N GLU A 42 -5.02 11.58 13.26
CA GLU A 42 -5.70 12.39 14.29
C GLU A 42 -5.99 11.65 15.59
N HIS A 43 -6.34 10.37 15.50
CA HIS A 43 -6.64 9.59 16.69
C HIS A 43 -5.45 8.95 17.36
N PHE A 44 -4.44 8.56 16.60
CA PHE A 44 -3.29 7.91 17.20
C PHE A 44 -1.93 8.49 16.84
N HIS A 45 -1.92 9.66 16.24
CA HIS A 45 -0.68 10.30 15.86
C HIS A 45 0.21 9.31 15.10
N ILE A 46 -0.42 8.44 14.31
CA ILE A 46 0.33 7.47 13.55
C ILE A 46 0.55 7.97 12.14
N ASP A 47 1.77 7.76 11.66
CA ASP A 47 2.11 8.22 10.33
C ASP A 47 1.90 7.16 9.29
N ILE A 48 0.70 7.13 8.71
CA ILE A 48 0.39 6.16 7.71
C ILE A 48 1.28 6.24 6.49
N ASP A 49 1.68 7.44 6.10
CA ASP A 49 2.57 7.56 4.94
C ASP A 49 3.75 6.61 5.18
N PHE A 50 4.50 6.84 6.26
CA PHE A 50 5.63 5.99 6.63
C PHE A 50 5.25 4.51 6.55
N VAL A 51 4.19 4.13 7.25
CA VAL A 51 3.73 2.73 7.28
C VAL A 51 3.43 2.13 5.91
N PHE A 52 2.68 2.82 5.07
CA PHE A 52 2.37 2.30 3.75
C PHE A 52 3.61 2.15 2.88
N SER A 53 4.52 3.10 3.00
CA SER A 53 5.73 3.03 2.20
C SER A 53 6.45 1.72 2.46
N ILE A 54 6.55 1.35 3.72
CA ILE A 54 7.22 0.13 4.09
C ILE A 54 6.52 -1.06 3.45
N ILE A 55 5.20 -1.07 3.48
CA ILE A 55 4.47 -2.19 2.89
C ILE A 55 4.66 -2.31 1.39
N MSE A 56 4.17 -1.31 0.65
CA MSE A 56 4.26 -1.32 -0.80
C MSE A 56 5.64 -1.00 -1.33
O MSE A 56 5.91 -1.16 -2.51
CB MSE A 56 3.27 -0.32 -1.38
CG MSE A 56 1.84 -0.62 -0.95
SE MSE A 56 0.61 0.62 -1.80
CE MSE A 56 1.65 2.22 -1.45
N ASN A 57 6.50 -0.53 -0.44
CA ASN A 57 7.87 -0.18 -0.78
C ASN A 57 7.91 1.08 -1.65
N ILE A 58 6.73 1.64 -1.89
CA ILE A 58 6.55 2.86 -2.68
C ILE A 58 6.87 4.08 -1.82
N GLY A 59 7.54 5.06 -2.41
CA GLY A 59 7.90 6.26 -1.68
C GLY A 59 9.08 6.03 -0.77
N ASP A 60 9.85 7.07 -0.51
CA ASP A 60 11.00 6.94 0.36
C ASP A 60 10.73 7.54 1.73
N ILE A 61 11.70 7.41 2.62
CA ILE A 61 11.55 7.95 3.96
C ILE A 61 12.90 8.39 4.47
N GLU A 62 12.90 9.27 5.47
CA GLU A 62 14.15 9.76 6.02
C GLU A 62 14.83 8.76 6.94
N PHE A 63 14.23 8.49 8.10
CA PHE A 63 14.81 7.55 9.08
C PHE A 63 14.80 6.10 8.58
N ALA A 64 15.32 5.89 7.37
CA ALA A 64 15.38 4.57 6.77
C ALA A 64 16.61 3.77 7.22
N LEU A 65 16.53 3.17 8.41
CA LEU A 65 17.61 2.36 8.96
C LEU A 65 17.07 0.94 9.24
N THR A 66 16.94 0.59 10.51
CA THR A 66 16.44 -0.72 10.90
C THR A 66 16.08 -0.66 12.35
N ASP A 67 17.03 -0.15 13.13
CA ASP A 67 16.82 0.00 14.56
C ASP A 67 15.80 1.10 14.75
N GLU A 68 15.77 1.99 13.78
CA GLU A 68 14.88 3.13 13.79
C GLU A 68 13.54 2.74 13.23
N ILE A 69 13.57 2.16 12.05
CA ILE A 69 12.37 1.74 11.39
C ILE A 69 11.64 0.71 12.27
N GLU A 70 12.20 0.42 13.43
CA GLU A 70 11.61 -0.55 14.35
C GLU A 70 11.01 0.16 15.54
N LYS A 71 11.84 0.86 16.30
CA LYS A 71 11.37 1.58 17.44
C LYS A 71 10.24 2.50 17.02
N LYS A 72 10.11 2.75 15.72
CA LYS A 72 9.04 3.62 15.23
C LYS A 72 7.75 2.83 15.04
N LEU A 73 7.84 1.72 14.35
CA LEU A 73 6.68 0.89 14.14
C LEU A 73 6.22 0.33 15.47
N SER A 74 7.16 -0.07 16.31
CA SER A 74 6.81 -0.63 17.60
C SER A 74 6.14 0.43 18.46
N GLY A 75 6.54 1.68 18.28
CA GLY A 75 5.97 2.78 19.03
C GLY A 75 4.49 2.87 18.73
N TYR A 76 4.15 2.58 17.48
CA TYR A 76 2.76 2.59 17.07
C TYR A 76 2.03 1.41 17.69
N LEU A 77 2.67 0.25 17.71
CA LEU A 77 2.06 -0.94 18.28
C LEU A 77 1.61 -0.69 19.70
N SER A 78 2.56 -0.33 20.54
CA SER A 78 2.31 -0.06 21.95
C SER A 78 1.16 0.93 22.12
N THR A 79 1.05 1.84 21.17
CA THR A 79 0.02 2.85 21.20
C THR A 79 -1.36 2.27 20.92
N LEU A 80 -1.42 1.22 20.11
CA LEU A 80 -2.69 0.63 19.75
C LEU A 80 -3.08 -0.58 20.58
N LEU A 81 -2.10 -1.37 20.97
CA LEU A 81 -2.37 -2.58 21.73
C LEU A 81 -3.42 -2.40 22.82
N PRO A 82 -3.23 -1.42 23.70
CA PRO A 82 -4.18 -1.15 24.78
C PRO A 82 -5.66 -1.16 24.35
N TYR A 83 -5.94 -0.65 23.16
CA TYR A 83 -7.31 -0.58 22.66
C TYR A 83 -7.78 -1.81 21.88
N VAL A 84 -6.93 -2.81 21.73
CA VAL A 84 -7.31 -4.01 20.99
C VAL A 84 -7.34 -5.26 21.85
N THR A 85 -8.24 -6.17 21.54
CA THR A 85 -8.35 -7.41 22.29
C THR A 85 -7.52 -8.52 21.66
N ALA A 86 -7.61 -9.70 22.26
CA ALA A 86 -6.87 -10.85 21.77
C ALA A 86 -7.28 -11.26 20.37
N ASP A 87 -8.59 -11.35 20.13
CA ASP A 87 -9.07 -11.76 18.81
C ASP A 87 -8.62 -10.84 17.70
N MSE A 88 -8.74 -9.54 17.95
CA MSE A 88 -8.35 -8.53 16.99
C MSE A 88 -6.89 -8.71 16.61
O MSE A 88 -6.50 -8.60 15.46
CB MSE A 88 -8.56 -7.15 17.59
CG MSE A 88 -9.92 -6.93 18.24
SE MSE A 88 -10.06 -5.14 18.94
CE MSE A 88 -11.45 -4.46 17.79
N PHE A 89 -6.07 -8.97 17.62
CA PHE A 89 -4.65 -9.16 17.42
C PHE A 89 -4.36 -10.36 16.54
N GLU A 90 -4.89 -11.50 16.95
CA GLU A 90 -4.71 -12.74 16.20
C GLU A 90 -5.26 -12.60 14.81
N THR A 91 -6.35 -11.85 14.66
CA THR A 91 -6.96 -11.66 13.35
C THR A 91 -6.05 -10.91 12.43
N SER A 92 -5.41 -9.88 12.94
CA SER A 92 -4.51 -9.09 12.13
C SER A 92 -3.24 -9.92 11.84
N LYS A 93 -2.78 -10.69 12.81
CA LYS A 93 -1.60 -11.51 12.58
C LYS A 93 -1.88 -12.51 11.47
N ALA A 94 -3.03 -13.15 11.52
CA ALA A 94 -3.36 -14.11 10.46
C ALA A 94 -3.40 -13.40 9.11
N ASN A 95 -4.17 -12.33 9.00
CA ASN A 95 -4.26 -11.61 7.75
C ASN A 95 -2.90 -11.18 7.24
N ALA A 96 -1.99 -10.81 8.14
CA ALA A 96 -0.66 -10.40 7.71
C ALA A 96 0.05 -11.54 7.01
N HIS A 97 0.15 -12.67 7.69
CA HIS A 97 0.82 -13.82 7.10
C HIS A 97 0.14 -14.17 5.78
N ALA A 98 -1.18 -14.04 5.73
CA ALA A 98 -1.92 -14.35 4.51
C ALA A 98 -1.51 -13.44 3.37
N PHE A 99 -1.16 -12.21 3.71
CA PHE A 99 -0.75 -11.22 2.72
C PHE A 99 0.70 -11.45 2.33
N LEU A 100 1.44 -12.13 3.20
CA LEU A 100 2.84 -12.39 2.89
C LEU A 100 3.13 -13.84 2.46
N SER A 101 2.29 -14.38 1.57
CA SER A 101 2.47 -15.74 1.09
C SER A 101 2.13 -15.90 -0.38
N ALA A 107 5.72 -19.25 7.00
CA ALA A 107 6.78 -18.53 7.69
C ALA A 107 6.21 -17.62 8.80
N ALA A 108 6.79 -17.69 10.00
CA ALA A 108 6.34 -16.86 11.12
C ALA A 108 7.31 -15.71 11.35
N TYR A 109 6.78 -14.53 11.67
CA TYR A 109 7.61 -13.34 11.90
C TYR A 109 7.58 -12.82 13.32
N HIS A 110 8.63 -12.08 13.67
CA HIS A 110 8.76 -11.51 15.00
C HIS A 110 8.10 -10.12 15.06
N LEU A 111 7.23 -9.94 16.06
CA LEU A 111 6.54 -8.67 16.24
C LEU A 111 7.39 -7.71 17.04
N PHE A 112 7.58 -6.50 16.54
CA PHE A 112 8.40 -5.51 17.21
C PHE A 112 7.92 -5.26 18.64
N VAL A 113 8.86 -5.40 19.58
CA VAL A 113 8.59 -5.21 21.00
C VAL A 113 7.27 -5.88 21.38
N MSE B 1 -11.49 -9.53 3.79
CA MSE B 1 -10.25 -9.41 2.97
C MSE B 1 -10.41 -10.11 1.64
O MSE B 1 -10.30 -11.33 1.55
CB MSE B 1 -9.06 -10.01 3.73
CG MSE B 1 -7.74 -9.84 3.02
SE MSE B 1 -6.16 -10.25 4.12
CE MSE B 1 -4.83 -10.44 2.74
N GLN B 2 -10.66 -9.34 0.59
CA GLN B 2 -10.84 -9.90 -0.74
C GLN B 2 -9.50 -10.35 -1.34
N TYR B 3 -9.53 -11.42 -2.12
CA TYR B 3 -8.31 -11.95 -2.74
C TYR B 3 -7.97 -11.30 -4.08
N PHE B 4 -6.70 -10.94 -4.24
CA PHE B 4 -6.23 -10.35 -5.49
C PHE B 4 -4.97 -11.04 -5.96
N SER B 5 -5.05 -11.63 -7.15
CA SER B 5 -3.94 -12.35 -7.75
C SER B 5 -2.69 -11.50 -7.92
N PRO B 6 -1.52 -12.14 -8.01
CA PRO B 6 -0.28 -11.39 -8.19
C PRO B 6 -0.32 -10.59 -9.48
N GLU B 7 -0.97 -11.14 -10.50
CA GLU B 7 -1.03 -10.44 -11.77
C GLU B 7 -1.84 -9.15 -11.61
N GLN B 8 -2.77 -9.17 -10.67
CA GLN B 8 -3.60 -8.01 -10.38
C GLN B 8 -2.77 -7.00 -9.57
N GLN B 9 -1.98 -7.52 -8.65
CA GLN B 9 -1.15 -6.66 -7.84
C GLN B 9 -0.15 -5.99 -8.76
N TYR B 10 0.35 -6.76 -9.72
CA TYR B 10 1.32 -6.28 -10.69
C TYR B 10 0.83 -5.05 -11.43
N ASN B 11 -0.20 -5.21 -12.26
CA ASN B 11 -0.76 -4.10 -13.00
C ASN B 11 -1.06 -2.92 -12.08
N ALA B 12 -1.66 -3.19 -10.93
CA ALA B 12 -1.96 -2.12 -9.99
C ALA B 12 -0.69 -1.38 -9.59
N TRP B 13 0.39 -2.11 -9.38
CA TRP B 13 1.63 -1.49 -9.00
C TRP B 13 2.23 -0.63 -10.12
N ILE B 14 2.08 -1.06 -11.37
CA ILE B 14 2.61 -0.27 -12.47
C ILE B 14 1.98 1.11 -12.51
N VAL B 15 0.66 1.14 -12.41
CA VAL B 15 -0.08 2.38 -12.39
C VAL B 15 0.65 3.29 -11.43
N SER B 16 0.76 2.88 -10.18
CA SER B 16 1.46 3.71 -9.22
C SER B 16 2.85 4.13 -9.62
N ASP B 17 3.58 3.27 -10.30
CA ASP B 17 4.93 3.63 -10.67
C ASP B 17 5.00 4.57 -11.87
N LEU B 18 4.08 4.40 -12.81
CA LEU B 18 4.05 5.26 -13.99
C LEU B 18 3.75 6.67 -13.54
N VAL B 19 2.65 6.82 -12.83
CA VAL B 19 2.25 8.13 -12.33
C VAL B 19 3.34 8.73 -11.43
N LYS B 20 4.06 7.86 -10.72
CA LYS B 20 5.11 8.34 -9.84
C LYS B 20 6.22 8.94 -10.69
N GLN B 21 6.81 8.12 -11.55
CA GLN B 21 7.89 8.60 -12.39
C GLN B 21 7.48 9.85 -13.18
N ILE B 22 6.21 9.93 -13.56
CA ILE B 22 5.71 11.09 -14.27
C ILE B 22 5.80 12.26 -13.32
N PHE B 23 5.72 11.98 -12.03
CA PHE B 23 5.81 13.04 -11.05
C PHE B 23 7.26 13.43 -10.96
N HIS B 24 8.14 12.43 -10.83
CA HIS B 24 9.58 12.68 -10.78
C HIS B 24 10.05 12.75 -12.21
N LYS B 25 9.85 13.92 -12.79
CA LYS B 25 10.18 14.19 -14.17
C LYS B 25 9.68 15.61 -14.26
N ARG B 26 8.43 15.77 -13.80
CA ARG B 26 7.78 17.07 -13.71
C ARG B 26 8.52 17.73 -12.56
N ALA B 27 8.41 17.20 -11.36
CA ALA B 27 9.17 17.76 -10.24
C ALA B 27 10.54 17.09 -10.33
N GLY B 28 11.53 17.60 -9.62
CA GLY B 28 12.86 17.00 -9.72
C GLY B 28 13.09 15.80 -8.83
N CYS B 29 12.62 15.89 -7.59
CA CYS B 29 12.77 14.83 -6.58
C CYS B 29 11.94 13.56 -6.83
N SER B 30 11.09 13.23 -5.86
CA SER B 30 10.21 12.06 -5.94
C SER B 30 9.02 12.30 -5.00
N PRO B 31 7.84 11.79 -5.37
CA PRO B 31 6.56 11.89 -4.67
C PRO B 31 6.51 11.59 -3.18
N GLY B 32 5.29 11.65 -2.65
CA GLY B 32 5.01 11.37 -1.27
C GLY B 32 3.78 10.47 -1.35
N ILE B 33 3.60 9.56 -0.41
CA ILE B 33 2.44 8.67 -0.50
C ILE B 33 1.15 9.45 -0.69
N HIS B 34 0.92 10.45 0.15
CA HIS B 34 -0.29 11.26 0.05
C HIS B 34 -0.20 12.20 -1.14
N GLU B 35 0.97 12.78 -1.33
CA GLU B 35 1.17 13.70 -2.45
C GLU B 35 0.78 12.99 -3.75
N LEU B 36 1.57 12.00 -4.15
CA LEU B 36 1.34 11.22 -5.37
C LEU B 36 -0.12 10.82 -5.52
N ALA B 37 -0.82 10.70 -4.41
CA ALA B 37 -2.21 10.31 -4.46
C ALA B 37 -3.05 11.42 -5.07
N VAL B 38 -2.90 12.63 -4.55
CA VAL B 38 -3.69 13.74 -5.07
C VAL B 38 -3.32 14.01 -6.52
N PHE B 39 -2.04 13.82 -6.81
CA PHE B 39 -1.49 14.02 -8.14
C PHE B 39 -2.08 13.08 -9.18
N ALA B 40 -2.47 11.88 -8.74
CA ALA B 40 -3.02 10.92 -9.65
C ALA B 40 -4.52 11.13 -9.80
N GLU B 41 -5.12 11.82 -8.84
CA GLU B 41 -6.56 12.06 -8.96
C GLU B 41 -6.84 13.29 -9.79
N GLU B 42 -6.28 14.43 -9.37
CA GLU B 42 -6.50 15.69 -10.08
C GLU B 42 -5.91 15.74 -11.50
N HIS B 43 -4.73 15.15 -11.68
CA HIS B 43 -4.09 15.15 -12.99
C HIS B 43 -4.53 14.04 -13.92
N PHE B 44 -4.87 12.87 -13.40
CA PHE B 44 -5.27 11.78 -14.25
C PHE B 44 -6.58 11.09 -13.90
N HIS B 45 -7.36 11.70 -13.03
CA HIS B 45 -8.64 11.12 -12.62
C HIS B 45 -8.44 9.66 -12.24
N ILE B 46 -7.31 9.35 -11.64
CA ILE B 46 -7.03 7.98 -11.24
C ILE B 46 -7.40 7.79 -9.79
N ASP B 47 -8.04 6.67 -9.50
CA ASP B 47 -8.46 6.41 -8.15
C ASP B 47 -7.43 5.62 -7.36
N ILE B 48 -6.53 6.32 -6.70
CA ILE B 48 -5.50 5.65 -5.93
C ILE B 48 -6.06 4.75 -4.84
N ASP B 49 -7.15 5.16 -4.21
CA ASP B 49 -7.71 4.31 -3.18
C ASP B 49 -7.88 2.90 -3.76
N PHE B 50 -8.67 2.79 -4.82
CA PHE B 50 -8.89 1.52 -5.49
C PHE B 50 -7.56 0.81 -5.75
N VAL B 51 -6.62 1.50 -6.39
CA VAL B 51 -5.30 0.93 -6.73
C VAL B 51 -4.51 0.40 -5.53
N PHE B 52 -4.40 1.18 -4.46
CA PHE B 52 -3.67 0.72 -3.29
C PHE B 52 -4.33 -0.48 -2.62
N SER B 53 -5.64 -0.49 -2.60
CA SER B 53 -6.35 -1.59 -1.97
C SER B 53 -5.93 -2.90 -2.62
N ILE B 54 -5.88 -2.89 -3.95
CA ILE B 54 -5.50 -4.09 -4.67
C ILE B 54 -4.10 -4.52 -4.27
N ILE B 55 -3.18 -3.57 -4.18
CA ILE B 55 -1.81 -3.90 -3.82
C ILE B 55 -1.70 -4.50 -2.42
N MSE B 56 -2.00 -3.69 -1.40
CA MSE B 56 -1.90 -4.10 0.00
C MSE B 56 -3.03 -5.01 0.42
O MSE B 56 -2.98 -5.61 1.49
CB MSE B 56 -1.88 -2.87 0.88
CG MSE B 56 -0.77 -1.92 0.55
SE MSE B 56 -0.79 -0.49 1.84
CE MSE B 56 -2.68 -0.15 1.71
N ASN B 57 -4.05 -5.10 -0.41
CA ASN B 57 -5.21 -5.94 -0.13
C ASN B 57 -6.04 -5.37 1.02
N ILE B 58 -5.60 -4.22 1.50
CA ILE B 58 -6.26 -3.49 2.57
C ILE B 58 -7.45 -2.71 2.03
N GLY B 59 -8.55 -2.70 2.77
CA GLY B 59 -9.73 -2.00 2.32
C GLY B 59 -10.49 -2.78 1.26
N ASP B 60 -11.80 -2.57 1.19
CA ASP B 60 -12.58 -3.28 0.19
C ASP B 60 -12.98 -2.35 -0.94
N ILE B 61 -13.65 -2.91 -1.93
CA ILE B 61 -14.07 -2.12 -3.08
C ILE B 61 -15.39 -2.67 -3.61
N GLU B 62 -16.12 -1.87 -4.34
CA GLU B 62 -17.39 -2.30 -4.88
C GLU B 62 -17.25 -3.21 -6.10
N PHE B 63 -16.77 -2.68 -7.22
CA PHE B 63 -16.59 -3.46 -8.45
C PHE B 63 -15.50 -4.52 -8.33
N ALA B 64 -15.58 -5.33 -7.28
CA ALA B 64 -14.60 -6.38 -7.03
C ALA B 64 -14.92 -7.68 -7.79
N LEU B 65 -14.56 -7.71 -9.08
CA LEU B 65 -14.78 -8.87 -9.92
C LEU B 65 -13.44 -9.34 -10.49
N THR B 66 -13.23 -9.15 -11.78
CA THR B 66 -11.98 -9.56 -12.42
C THR B 66 -11.94 -8.90 -13.78
N ASP B 67 -13.03 -9.06 -14.50
CA ASP B 67 -13.16 -8.47 -15.81
C ASP B 67 -13.26 -6.97 -15.62
N GLU B 68 -13.77 -6.61 -14.45
CA GLU B 68 -13.98 -5.23 -14.09
C GLU B 68 -12.71 -4.64 -13.51
N ILE B 69 -12.19 -5.34 -12.52
CA ILE B 69 -10.98 -4.91 -11.86
C ILE B 69 -9.85 -4.84 -12.89
N GLU B 70 -10.15 -5.15 -14.14
CA GLU B 70 -9.15 -5.13 -15.19
C GLU B 70 -9.37 -3.94 -16.11
N LYS B 71 -10.53 -3.91 -16.74
CA LYS B 71 -10.85 -2.82 -17.62
C LYS B 71 -10.67 -1.50 -16.87
N LYS B 72 -10.63 -1.57 -15.54
CA LYS B 72 -10.46 -0.36 -14.73
C LYS B 72 -8.98 0.01 -14.62
N LEU B 73 -8.17 -0.97 -14.24
CA LEU B 73 -6.76 -0.72 -14.12
C LEU B 73 -6.18 -0.42 -15.49
N SER B 74 -6.62 -1.16 -16.49
CA SER B 74 -6.10 -0.94 -17.84
C SER B 74 -6.50 0.45 -18.33
N GLY B 75 -7.67 0.92 -17.89
CA GLY B 75 -8.15 2.23 -18.29
C GLY B 75 -7.16 3.27 -17.81
N TYR B 76 -6.59 3.02 -16.64
CA TYR B 76 -5.60 3.92 -16.09
C TYR B 76 -4.32 3.83 -16.91
N LEU B 77 -3.93 2.62 -17.27
CA LEU B 77 -2.73 2.43 -18.06
C LEU B 77 -2.74 3.28 -19.32
N SER B 78 -3.74 3.01 -20.15
CA SER B 78 -3.93 3.72 -21.39
C SER B 78 -3.85 5.22 -21.19
N THR B 79 -4.33 5.68 -20.05
CA THR B 79 -4.33 7.07 -19.71
C THR B 79 -2.93 7.63 -19.43
N LEU B 80 -2.06 6.79 -18.89
CA LEU B 80 -0.72 7.24 -18.56
C LEU B 80 0.33 6.92 -19.62
N LEU B 81 0.17 5.79 -20.30
CA LEU B 81 1.14 5.40 -21.31
C LEU B 81 1.62 6.53 -22.21
N PRO B 82 0.69 7.26 -22.82
CA PRO B 82 1.04 8.38 -23.70
C PRO B 82 2.12 9.31 -23.13
N TYR B 83 2.07 9.56 -21.82
CA TYR B 83 3.01 10.46 -21.18
C TYR B 83 4.31 9.82 -20.68
N VAL B 84 4.45 8.51 -20.87
CA VAL B 84 5.66 7.82 -20.42
C VAL B 84 6.47 7.24 -21.57
N THR B 85 7.78 7.22 -21.40
CA THR B 85 8.66 6.66 -22.42
C THR B 85 8.96 5.21 -22.16
N ALA B 86 9.79 4.64 -23.03
CA ALA B 86 10.18 3.24 -22.93
C ALA B 86 10.91 2.94 -21.63
N ASP B 87 11.89 3.74 -21.28
CA ASP B 87 12.65 3.49 -20.06
C ASP B 87 11.78 3.50 -18.81
N MSE B 88 10.92 4.50 -18.71
CA MSE B 88 10.03 4.64 -17.58
C MSE B 88 9.19 3.38 -17.42
O MSE B 88 8.98 2.90 -16.31
CB MSE B 88 9.13 5.84 -17.79
CG MSE B 88 9.86 7.10 -18.19
SE MSE B 88 8.66 8.58 -18.51
CE MSE B 88 9.21 9.70 -17.02
N PHE B 89 8.70 2.86 -18.54
CA PHE B 89 7.88 1.67 -18.55
C PHE B 89 8.65 0.46 -18.03
N GLU B 90 9.80 0.20 -18.64
CA GLU B 90 10.64 -0.91 -18.25
C GLU B 90 11.07 -0.78 -16.80
N THR B 91 11.29 0.46 -16.38
CA THR B 91 11.74 0.70 -15.00
C THR B 91 10.66 0.30 -14.02
N SER B 92 9.42 0.64 -14.34
CA SER B 92 8.33 0.31 -13.45
C SER B 92 8.06 -1.20 -13.51
N LYS B 93 8.23 -1.80 -14.69
CA LYS B 93 8.00 -3.24 -14.79
C LYS B 93 9.04 -3.97 -13.94
N ALA B 94 10.28 -3.54 -14.02
CA ALA B 94 11.32 -4.18 -13.21
C ALA B 94 10.96 -4.04 -11.73
N ASN B 95 10.74 -2.82 -11.27
CA ASN B 95 10.42 -2.58 -9.88
C ASN B 95 9.24 -3.41 -9.42
N ALA B 96 8.25 -3.60 -10.29
CA ALA B 96 7.08 -4.38 -9.92
C ALA B 96 7.48 -5.82 -9.59
N HIS B 97 8.16 -6.47 -10.54
CA HIS B 97 8.58 -7.83 -10.33
C HIS B 97 9.44 -7.90 -9.08
N ALA B 98 10.25 -6.87 -8.85
CA ALA B 98 11.12 -6.84 -7.68
C ALA B 98 10.31 -6.84 -6.40
N PHE B 99 9.15 -6.19 -6.46
CA PHE B 99 8.27 -6.09 -5.32
C PHE B 99 7.48 -7.38 -5.15
N LEU B 100 7.36 -8.15 -6.22
CA LEU B 100 6.62 -9.40 -6.14
C LEU B 100 7.50 -10.65 -6.11
N SER B 101 8.57 -10.62 -5.31
CA SER B 101 9.47 -11.76 -5.20
C SER B 101 9.99 -11.98 -3.79
N ALA B 107 9.13 -14.90 -12.12
CA ALA B 107 7.80 -15.01 -12.72
C ALA B 107 7.42 -13.75 -13.51
N ALA B 108 6.93 -13.92 -14.74
CA ALA B 108 6.53 -12.78 -15.57
C ALA B 108 5.01 -12.67 -15.60
N TYR B 109 4.49 -11.44 -15.57
CA TYR B 109 3.05 -11.22 -15.58
C TYR B 109 2.54 -10.51 -16.81
N HIS B 110 1.26 -10.67 -17.07
CA HIS B 110 0.61 -10.08 -18.23
C HIS B 110 0.07 -8.69 -17.89
N LEU B 111 0.41 -7.70 -18.71
CA LEU B 111 -0.04 -6.34 -18.49
C LEU B 111 -1.40 -6.12 -19.12
N PHE B 112 -2.34 -5.59 -18.35
CA PHE B 112 -3.69 -5.35 -18.83
C PHE B 112 -3.70 -4.50 -20.10
N VAL B 113 -4.35 -5.03 -21.14
CA VAL B 113 -4.45 -4.37 -22.44
C VAL B 113 -3.08 -3.78 -22.79
#